data_3U0V
#
_entry.id   3U0V
#
_cell.length_a   47.782
_cell.length_b   60.778
_cell.length_c   76.620
_cell.angle_alpha   90.000
_cell.angle_beta   90.000
_cell.angle_gamma   90.000
#
_symmetry.space_group_name_H-M   'P 21 21 21'
#
loop_
_entity.id
_entity.type
_entity.pdbx_description
1 polymer 'Lysophospholipase-like protein 1'
2 water water
#
_entity_poly.entity_id   1
_entity_poly.type   'polypeptide(L)'
_entity_poly.pdbx_seq_one_letter_code
;GPMAAASGSVLQRCIVSPAGRHSASLIFLHGSGDSGQGLRMWIKQVLNQDLTFQHIKIIYPTAPPRSYTPMKGGISNVWF
DRFKITNDCPEHLESIDVMCQVLTDLIDEEVKSGIKKNRILIGGFSMGGCMAMHLAYRNHQDVAGVFALSSFLNKASAVY
QALQKSNGVLPELFQCHGTADELVLHSWAEETNSMLKSLGVTTKFHSFPNVYHELSKTELDILKLWILTKLPGEMEKQK
;
_entity_poly.pdbx_strand_id   A
#
# COMPACT_ATOMS: atom_id res chain seq x y z
N LEU A 11 6.44 16.15 -1.48
CA LEU A 11 5.47 15.50 -2.46
C LEU A 11 4.22 16.33 -2.71
N GLN A 12 3.79 16.27 -3.95
CA GLN A 12 2.48 16.81 -4.35
C GLN A 12 1.48 15.79 -3.88
N ARG A 13 0.25 16.22 -3.68
CA ARG A 13 -0.77 15.24 -3.19
C ARG A 13 -2.18 15.70 -3.45
N CYS A 14 -3.13 14.75 -3.47
CA CYS A 14 -4.54 15.09 -3.58
C CYS A 14 -5.11 14.78 -2.21
N ILE A 15 -5.79 15.74 -1.56
CA ILE A 15 -6.42 15.44 -0.23
C ILE A 15 -7.89 15.40 -0.34
N VAL A 16 -8.46 14.24 0.04
CA VAL A 16 -9.97 14.08 0.15
C VAL A 16 -10.32 14.26 1.66
N SER A 17 -10.90 15.42 2.01
CA SER A 17 -11.17 15.74 3.45
C SER A 17 -12.22 14.79 4.06
N PRO A 18 -12.21 14.66 5.40
CA PRO A 18 -13.34 14.02 6.09
C PRO A 18 -14.52 15.00 5.95
N ALA A 19 -15.71 14.48 6.14
CA ALA A 19 -16.96 15.31 6.09
C ALA A 19 -17.07 16.18 7.35
N GLY A 20 -16.42 15.77 8.40
CA GLY A 20 -16.42 16.54 9.69
C GLY A 20 -15.06 16.48 10.31
N ARG A 21 -15.02 16.52 11.64
CA ARG A 21 -13.69 16.78 12.33
C ARG A 21 -12.68 15.67 11.93
N HIS A 22 -11.43 16.11 11.62
CA HIS A 22 -10.44 15.09 11.24
C HIS A 22 -9.87 14.45 12.51
N SER A 23 -9.94 13.11 12.58
CA SER A 23 -9.35 12.42 13.74
C SER A 23 -8.36 11.26 13.32
N ALA A 24 -8.30 10.95 12.03
CA ALA A 24 -7.46 9.84 11.58
C ALA A 24 -7.10 10.11 10.10
N SER A 25 -6.11 9.38 9.62
CA SER A 25 -5.59 9.71 8.27
C SER A 25 -5.39 8.35 7.58
N LEU A 26 -5.70 8.33 6.27
CA LEU A 26 -5.46 7.19 5.40
C LEU A 26 -4.44 7.70 4.35
N ILE A 27 -3.26 7.07 4.22
CA ILE A 27 -2.21 7.51 3.19
C ILE A 27 -2.43 6.34 2.18
N PHE A 28 -2.78 6.67 0.96
CA PHE A 28 -3.22 5.62 -0.03
C PHE A 28 -2.28 5.88 -1.23
N LEU A 29 -1.38 4.90 -1.53
CA LEU A 29 -0.25 5.13 -2.50
C LEU A 29 -0.63 4.50 -3.81
N HIS A 30 -0.49 5.29 -4.85
CA HIS A 30 -0.82 4.85 -6.27
C HIS A 30 0.19 3.83 -6.86
N GLY A 31 -0.26 3.08 -7.91
CA GLY A 31 0.64 2.15 -8.57
C GLY A 31 1.53 2.81 -9.62
N SER A 32 2.37 1.96 -10.25
CA SER A 32 3.40 2.56 -11.14
C SER A 32 2.74 3.39 -12.23
N GLY A 33 3.34 4.57 -12.48
CA GLY A 33 2.97 5.40 -13.60
C GLY A 33 1.77 6.33 -13.33
N ASP A 34 1.17 6.26 -12.17
CA ASP A 34 -0.10 6.95 -11.93
C ASP A 34 0.30 8.29 -11.13
N SER A 35 -0.72 8.88 -10.49
CA SER A 35 -0.54 10.01 -9.62
C SER A 35 -1.53 10.00 -8.49
N GLY A 36 -1.44 10.89 -7.47
CA GLY A 36 -2.49 10.70 -6.45
C GLY A 36 -3.94 11.10 -6.93
N GLN A 37 -4.04 12.21 -7.71
CA GLN A 37 -5.32 12.60 -8.28
C GLN A 37 -5.81 11.49 -9.26
N GLY A 38 -4.91 10.89 -10.03
CA GLY A 38 -5.24 9.72 -10.90
C GLY A 38 -5.90 8.63 -10.12
N LEU A 39 -5.34 8.23 -8.98
CA LEU A 39 -5.87 7.06 -8.17
C LEU A 39 -7.26 7.48 -7.63
N ARG A 40 -7.27 8.69 -7.07
CA ARG A 40 -8.52 9.26 -6.54
C ARG A 40 -9.70 9.17 -7.53
N MET A 41 -9.43 9.61 -8.76
CA MET A 41 -10.47 9.61 -9.83
C MET A 41 -10.77 8.19 -10.33
N TRP A 42 -9.77 7.31 -10.26
CA TRP A 42 -9.95 5.95 -10.69
C TRP A 42 -10.92 5.28 -9.65
N ILE A 43 -10.64 5.45 -8.34
CA ILE A 43 -11.53 4.86 -7.27
C ILE A 43 -12.99 5.44 -7.47
N LYS A 44 -13.05 6.75 -7.73
CA LYS A 44 -14.34 7.47 -7.91
C LYS A 44 -15.11 6.78 -9.06
N GLN A 45 -14.41 6.51 -10.17
CA GLN A 45 -15.08 5.77 -11.26
C GLN A 45 -15.52 4.38 -10.82
N VAL A 46 -14.66 3.61 -10.12
CA VAL A 46 -14.99 2.22 -9.75
C VAL A 46 -16.16 2.14 -8.78
N LEU A 47 -16.27 3.16 -7.91
CA LEU A 47 -17.43 3.32 -7.00
C LEU A 47 -18.61 4.14 -7.46
N ASN A 48 -18.52 4.84 -8.58
CA ASN A 48 -19.53 5.80 -9.03
C ASN A 48 -19.79 6.90 -7.99
N GLN A 49 -18.85 7.09 -7.07
CA GLN A 49 -18.86 8.30 -6.24
C GLN A 49 -17.53 8.25 -5.55
N ASP A 50 -17.13 9.34 -4.97
CA ASP A 50 -15.84 9.31 -4.27
C ASP A 50 -15.84 8.44 -3.06
N LEU A 51 -14.68 7.86 -2.78
CA LEU A 51 -14.43 7.24 -1.50
C LEU A 51 -14.26 8.36 -0.48
N THR A 52 -15.00 8.34 0.62
CA THR A 52 -14.97 9.47 1.58
C THR A 52 -15.28 8.93 2.93
N PHE A 53 -14.88 9.63 3.98
CA PHE A 53 -15.18 9.21 5.34
C PHE A 53 -15.68 10.39 6.17
N GLN A 54 -16.25 10.02 7.32
CA GLN A 54 -16.64 11.17 8.21
C GLN A 54 -15.50 11.82 8.98
N HIS A 55 -14.50 11.02 9.41
CA HIS A 55 -13.49 11.52 10.27
C HIS A 55 -12.06 11.27 9.75
N ILE A 56 -11.97 10.58 8.62
CA ILE A 56 -10.69 10.13 8.09
C ILE A 56 -10.33 10.94 6.87
N LYS A 57 -9.17 11.57 6.89
CA LYS A 57 -8.75 12.40 5.74
C LYS A 57 -7.91 11.45 4.87
N ILE A 58 -8.15 11.51 3.56
CA ILE A 58 -7.39 10.61 2.66
C ILE A 58 -6.27 11.44 1.96
N ILE A 59 -5.00 10.98 2.03
CA ILE A 59 -3.93 11.71 1.40
C ILE A 59 -3.47 10.76 0.28
N TYR A 60 -3.58 11.24 -0.94
CA TYR A 60 -3.08 10.44 -2.11
C TYR A 60 -1.86 11.24 -2.61
N PRO A 61 -0.62 10.88 -2.15
CA PRO A 61 0.58 11.67 -2.63
C PRO A 61 0.97 11.14 -3.99
N THR A 62 1.72 11.97 -4.71
CA THR A 62 2.17 11.59 -6.05
C THR A 62 3.69 11.24 -5.94
N ALA A 63 4.07 10.08 -6.54
CA ALA A 63 5.51 9.65 -6.49
C ALA A 63 6.24 10.64 -7.40
N PRO A 64 7.45 11.15 -6.99
CA PRO A 64 8.11 12.09 -7.87
C PRO A 64 8.57 11.34 -9.13
N PRO A 65 8.74 12.05 -10.27
CA PRO A 65 9.13 11.37 -11.50
C PRO A 65 10.57 10.91 -11.41
N ARG A 66 10.84 9.70 -11.83
CA ARG A 66 12.21 9.19 -11.76
C ARG A 66 12.44 8.07 -12.78
N SER A 67 13.71 7.71 -13.02
CA SER A 67 14.00 6.62 -13.96
C SER A 67 13.35 5.30 -13.46
N TYR A 68 12.80 4.49 -14.37
CA TYR A 68 12.24 3.19 -14.02
C TYR A 68 12.81 2.15 -14.95
N THR A 69 13.54 1.22 -14.35
CA THR A 69 14.35 0.20 -15.14
C THR A 69 13.40 -0.69 -16.03
N PRO A 70 12.18 -1.10 -15.56
CA PRO A 70 11.37 -1.88 -16.55
C PRO A 70 10.88 -1.05 -17.74
N MET A 71 11.00 0.29 -17.69
CA MET A 71 10.69 1.17 -18.81
C MET A 71 12.02 1.64 -19.54
N LYS A 72 13.05 0.82 -19.37
CA LYS A 72 14.37 1.04 -19.92
C LYS A 72 14.88 2.36 -19.53
N GLY A 73 14.64 2.75 -18.26
CA GLY A 73 15.18 3.99 -17.75
C GLY A 73 14.42 5.25 -18.07
N GLY A 74 13.38 5.13 -18.88
CA GLY A 74 12.38 6.18 -19.04
C GLY A 74 11.89 6.72 -17.71
N ILE A 75 11.37 7.95 -17.75
CA ILE A 75 10.90 8.63 -16.53
C ILE A 75 9.45 8.24 -16.24
N SER A 76 9.21 7.94 -14.97
CA SER A 76 7.82 7.42 -14.60
C SER A 76 7.53 7.93 -13.17
N ASN A 77 6.29 8.25 -12.85
CA ASN A 77 5.96 8.34 -11.41
C ASN A 77 5.95 6.98 -10.69
N VAL A 78 7.09 6.64 -10.12
CA VAL A 78 7.28 5.39 -9.41
C VAL A 78 7.85 5.60 -8.01
N TRP A 79 7.25 4.83 -7.03
CA TRP A 79 7.76 4.95 -5.64
C TRP A 79 9.22 4.46 -5.54
N PHE A 80 9.60 3.49 -6.37
CA PHE A 80 10.91 2.85 -6.26
C PHE A 80 11.14 2.09 -7.55
N ASP A 81 12.37 1.61 -7.72
CA ASP A 81 12.74 1.01 -8.98
C ASP A 81 12.62 -0.50 -8.80
N ARG A 82 12.49 -1.18 -9.95
CA ARG A 82 12.52 -2.67 -9.94
C ARG A 82 13.48 -3.13 -11.03
N PHE A 83 14.15 -4.25 -10.82
CA PHE A 83 15.01 -4.77 -11.90
C PHE A 83 14.17 -5.39 -13.05
N LYS A 84 13.07 -6.01 -12.65
CA LYS A 84 12.22 -7.01 -13.41
CA LYS A 84 12.11 -6.78 -13.52
C LYS A 84 10.82 -7.07 -12.73
N ILE A 85 9.76 -7.34 -13.50
CA ILE A 85 8.46 -7.57 -12.85
C ILE A 85 8.40 -9.04 -12.51
N THR A 86 8.90 -9.39 -11.31
CA THR A 86 8.77 -10.79 -10.82
C THR A 86 9.05 -10.77 -9.31
N ASN A 87 8.64 -11.84 -8.57
CA ASN A 87 9.00 -11.90 -7.17
C ASN A 87 10.39 -12.56 -7.00
N ASP A 88 10.96 -13.15 -8.09
CA ASP A 88 12.16 -13.94 -7.96
CA ASP A 88 12.17 -13.92 -7.88
C ASP A 88 13.37 -13.12 -8.41
N CYS A 89 13.41 -11.87 -8.05
CA CYS A 89 14.64 -11.14 -8.19
C CYS A 89 14.69 -10.33 -6.89
N PRO A 90 15.86 -9.76 -6.58
CA PRO A 90 15.90 -9.00 -5.32
C PRO A 90 15.16 -7.68 -5.47
N GLU A 91 14.61 -7.20 -4.34
CA GLU A 91 14.11 -5.82 -4.39
C GLU A 91 15.29 -4.81 -4.54
N HIS A 92 14.96 -3.62 -5.03
CA HIS A 92 15.98 -2.56 -5.21
C HIS A 92 15.93 -1.73 -3.91
N LEU A 93 16.70 -2.15 -2.94
CA LEU A 93 16.47 -1.65 -1.57
C LEU A 93 16.89 -0.18 -1.47
N GLU A 94 17.91 0.27 -2.25
CA GLU A 94 18.36 1.63 -2.11
CA GLU A 94 18.44 1.65 -2.18
C GLU A 94 17.30 2.62 -2.54
N SER A 95 16.55 2.32 -3.61
CA SER A 95 15.46 3.27 -4.02
C SER A 95 14.25 3.18 -3.01
N ILE A 96 14.01 1.98 -2.51
CA ILE A 96 12.89 1.77 -1.50
C ILE A 96 13.24 2.59 -0.25
N ASP A 97 14.53 2.57 0.16
CA ASP A 97 14.88 3.24 1.41
C ASP A 97 14.82 4.77 1.22
N VAL A 98 15.20 5.23 0.06
CA VAL A 98 15.10 6.72 -0.19
C VAL A 98 13.58 7.10 -0.01
N MET A 99 12.70 6.30 -0.64
CA MET A 99 11.25 6.62 -0.56
C MET A 99 10.68 6.40 0.88
N CYS A 100 11.27 5.50 1.69
CA CYS A 100 10.79 5.31 3.06
C CYS A 100 11.07 6.64 3.74
N GLN A 101 12.21 7.31 3.41
CA GLN A 101 12.53 8.48 4.21
C GLN A 101 11.58 9.64 3.80
N VAL A 102 11.38 9.82 2.48
CA VAL A 102 10.37 10.77 1.95
C VAL A 102 8.98 10.61 2.53
N LEU A 103 8.46 9.36 2.54
CA LEU A 103 7.08 9.11 3.06
C LEU A 103 7.05 9.20 4.55
N THR A 104 8.17 8.93 5.17
CA THR A 104 8.29 9.13 6.64
C THR A 104 7.99 10.61 6.96
N ASP A 105 8.59 11.48 6.16
CA ASP A 105 8.34 12.95 6.33
C ASP A 105 6.85 13.31 6.20
N LEU A 106 6.11 12.64 5.30
CA LEU A 106 4.71 12.85 5.13
C LEU A 106 3.94 12.36 6.35
N ILE A 107 4.26 11.14 6.87
CA ILE A 107 3.68 10.64 8.12
C ILE A 107 3.94 11.61 9.29
N ASP A 108 5.16 12.08 9.36
CA ASP A 108 5.52 13.05 10.41
C ASP A 108 4.84 14.41 10.31
N GLU A 109 4.58 14.89 9.10
CA GLU A 109 3.70 16.06 8.95
C GLU A 109 2.30 15.83 9.51
N GLU A 110 1.75 14.59 9.41
CA GLU A 110 0.48 14.30 9.96
C GLU A 110 0.47 14.24 11.45
N VAL A 111 1.50 13.56 11.99
CA VAL A 111 1.64 13.46 13.44
C VAL A 111 1.72 14.83 14.04
N LYS A 112 2.43 15.71 13.34
CA LYS A 112 2.74 17.04 13.88
C LYS A 112 1.45 17.89 13.85
N SER A 113 0.43 17.43 13.09
CA SER A 113 -0.94 18.04 12.98
C SER A 113 -1.89 17.61 14.07
N GLY A 114 -1.45 16.66 14.88
CA GLY A 114 -2.26 16.20 15.96
C GLY A 114 -2.79 14.83 15.74
N ILE A 115 -2.44 14.19 14.62
CA ILE A 115 -2.93 12.80 14.42
C ILE A 115 -1.87 11.85 14.92
N LYS A 116 -2.24 11.04 15.91
CA LYS A 116 -1.34 10.06 16.48
C LYS A 116 -1.10 8.95 15.47
N LYS A 117 0.13 8.41 15.45
CA LYS A 117 0.51 7.28 14.57
C LYS A 117 -0.48 6.15 14.63
N ASN A 118 -1.08 5.83 15.80
CA ASN A 118 -2.04 4.75 15.79
C ASN A 118 -3.42 5.07 15.19
N ARG A 119 -3.52 6.31 14.62
CA ARG A 119 -4.70 6.76 13.87
C ARG A 119 -4.31 7.07 12.40
N ILE A 120 -3.23 6.46 11.96
CA ILE A 120 -2.75 6.59 10.56
C ILE A 120 -2.76 5.17 9.99
N LEU A 121 -3.37 5.00 8.80
CA LEU A 121 -3.50 3.67 8.14
C LEU A 121 -2.73 3.93 6.83
N ILE A 122 -1.88 3.00 6.40
CA ILE A 122 -1.10 3.22 5.11
CA ILE A 122 -1.10 3.26 5.14
C ILE A 122 -1.39 2.05 4.20
N GLY A 123 -1.60 2.31 2.93
CA GLY A 123 -1.83 1.16 2.02
C GLY A 123 -1.58 1.66 0.59
N GLY A 124 -1.74 0.72 -0.35
CA GLY A 124 -1.64 1.18 -1.73
C GLY A 124 -2.04 0.09 -2.75
N PHE A 125 -2.10 0.50 -3.99
CA PHE A 125 -2.38 -0.42 -5.11
C PHE A 125 -1.09 -0.81 -5.77
N SER A 126 -0.89 -2.11 -5.95
CA SER A 126 0.28 -2.58 -6.72
C SER A 126 1.55 -2.06 -6.12
N MET A 127 2.37 -1.29 -6.89
CA MET A 127 3.66 -0.79 -6.34
C MET A 127 3.45 0.06 -5.07
N GLY A 128 2.28 0.68 -4.93
CA GLY A 128 2.02 1.47 -3.70
C GLY A 128 1.76 0.53 -2.52
N GLY A 129 1.10 -0.66 -2.73
CA GLY A 129 1.02 -1.53 -1.59
C GLY A 129 2.34 -2.14 -1.11
N CYS A 130 3.21 -2.54 -2.06
CA CYS A 130 4.63 -2.83 -1.70
C CYS A 130 5.32 -1.77 -0.81
N MET A 131 5.22 -0.52 -1.27
CA MET A 131 5.84 0.60 -0.61
C MET A 131 5.20 0.61 0.79
N ALA A 132 3.88 0.54 0.86
CA ALA A 132 3.16 0.56 2.20
C ALA A 132 3.74 -0.47 3.14
N MET A 133 3.88 -1.71 2.65
CA MET A 133 4.38 -2.78 3.51
C MET A 133 5.81 -2.48 4.01
N HIS A 134 6.70 -1.89 3.17
CA HIS A 134 8.02 -1.60 3.66
C HIS A 134 7.99 -0.48 4.68
N LEU A 135 7.11 0.51 4.46
CA LEU A 135 7.05 1.60 5.41
C LEU A 135 6.53 1.17 6.77
N ALA A 136 5.47 0.32 6.80
CA ALA A 136 4.85 -0.15 8.00
C ALA A 136 5.70 -1.16 8.76
N TYR A 137 6.19 -2.19 8.09
CA TYR A 137 6.72 -3.36 8.88
C TYR A 137 8.19 -3.11 9.21
N ARG A 138 8.79 -2.17 8.53
CA ARG A 138 10.22 -1.84 8.80
C ARG A 138 10.44 -0.58 9.62
N ASN A 139 9.67 0.49 9.38
CA ASN A 139 9.88 1.77 10.07
C ASN A 139 8.76 2.22 10.97
N HIS A 140 7.53 1.68 10.84
CA HIS A 140 6.42 2.39 11.50
C HIS A 140 5.50 1.32 11.95
N GLN A 141 6.05 0.49 12.82
CA GLN A 141 5.19 -0.64 13.21
C GLN A 141 4.02 -0.23 14.14
N ASP A 142 3.90 1.03 14.51
CA ASP A 142 2.79 1.46 15.38
C ASP A 142 1.58 2.06 14.63
N VAL A 143 1.56 1.98 13.28
CA VAL A 143 0.41 2.44 12.52
C VAL A 143 -0.78 1.56 12.85
N ALA A 144 -1.94 2.06 12.48
CA ALA A 144 -3.21 1.39 12.73
C ALA A 144 -3.39 0.08 11.90
N GLY A 145 -2.72 -0.05 10.76
CA GLY A 145 -2.97 -1.16 9.87
C GLY A 145 -2.29 -0.78 8.52
N VAL A 146 -2.28 -1.81 7.63
CA VAL A 146 -1.64 -1.74 6.36
C VAL A 146 -2.54 -2.40 5.37
N PHE A 147 -2.75 -1.85 4.17
CA PHE A 147 -3.53 -2.61 3.16
C PHE A 147 -2.75 -2.69 1.85
N ALA A 148 -2.89 -3.75 1.07
CA ALA A 148 -2.14 -3.89 -0.19
C ALA A 148 -3.13 -4.52 -1.14
N LEU A 149 -3.36 -3.84 -2.26
CA LEU A 149 -4.20 -4.24 -3.34
C LEU A 149 -3.31 -4.58 -4.53
N SER A 150 -3.41 -5.84 -4.92
CA SER A 150 -2.70 -6.36 -6.10
C SER A 150 -1.21 -6.22 -5.97
N SER A 151 -0.67 -6.65 -4.82
CA SER A 151 0.75 -6.35 -4.52
C SER A 151 1.48 -7.60 -4.08
N PHE A 152 2.81 -7.49 -3.97
CA PHE A 152 3.58 -8.63 -3.42
C PHE A 152 4.92 -8.08 -2.91
N LEU A 153 5.67 -8.89 -2.14
CA LEU A 153 7.07 -8.51 -1.81
C LEU A 153 8.00 -9.48 -2.54
N ASN A 154 9.14 -8.95 -2.92
CA ASN A 154 10.14 -9.83 -3.55
C ASN A 154 10.68 -10.83 -2.59
N LYS A 155 11.15 -11.97 -3.14
CA LYS A 155 11.79 -12.97 -2.26
C LYS A 155 12.97 -12.34 -1.56
N ALA A 156 13.14 -12.81 -0.29
CA ALA A 156 14.25 -12.29 0.57
C ALA A 156 14.10 -10.83 0.96
N SER A 157 12.84 -10.33 0.86
CA SER A 157 12.65 -8.84 1.19
C SER A 157 13.24 -8.41 2.56
N ALA A 158 13.77 -7.18 2.67
CA ALA A 158 14.10 -6.61 3.98
C ALA A 158 12.88 -6.64 4.91
N VAL A 159 11.66 -6.55 4.38
CA VAL A 159 10.47 -6.74 5.30
C VAL A 159 10.59 -8.00 6.15
N TYR A 160 10.94 -9.11 5.49
CA TYR A 160 10.91 -10.44 6.15
C TYR A 160 11.95 -10.44 7.25
N GLN A 161 13.10 -9.90 6.91
CA GLN A 161 14.21 -9.84 7.89
C GLN A 161 13.91 -8.91 9.05
N ALA A 162 13.31 -7.73 8.77
CA ALA A 162 12.80 -6.90 9.91
C ALA A 162 11.80 -7.67 10.84
N LEU A 163 10.84 -8.40 10.26
CA LEU A 163 9.82 -9.01 11.05
C LEU A 163 10.45 -10.16 11.83
N GLN A 164 11.46 -10.80 11.24
CA GLN A 164 12.15 -11.93 11.95
C GLN A 164 12.70 -11.39 13.29
N LYS A 165 13.30 -10.21 13.23
CA LYS A 165 13.97 -9.56 14.38
C LYS A 165 13.00 -8.84 15.31
N SER A 166 11.73 -8.70 14.95
CA SER A 166 10.80 -7.92 15.77
C SER A 166 10.15 -8.84 16.84
N ASN A 167 9.84 -8.25 18.00
CA ASN A 167 9.08 -9.02 19.00
C ASN A 167 7.82 -8.32 19.51
N GLY A 168 7.46 -7.19 18.92
CA GLY A 168 6.29 -6.40 19.40
C GLY A 168 5.03 -6.65 18.60
N VAL A 169 3.94 -5.94 18.92
CA VAL A 169 2.68 -6.18 18.19
C VAL A 169 2.88 -5.52 16.82
N LEU A 170 2.30 -6.08 15.78
CA LEU A 170 2.58 -5.47 14.42
C LEU A 170 1.24 -5.05 13.85
N PRO A 171 1.24 -4.17 12.86
CA PRO A 171 -0.04 -3.76 12.26
C PRO A 171 -0.68 -4.85 11.43
N GLU A 172 -2.02 -4.97 11.49
CA GLU A 172 -2.71 -6.03 10.69
C GLU A 172 -2.68 -5.68 9.19
N LEU A 173 -2.62 -6.71 8.34
CA LEU A 173 -2.54 -6.43 6.89
C LEU A 173 -3.88 -6.91 6.28
N PHE A 174 -4.43 -6.02 5.43
CA PHE A 174 -5.53 -6.41 4.59
C PHE A 174 -4.97 -6.40 3.15
N GLN A 175 -5.11 -7.57 2.51
CA GLN A 175 -4.50 -7.70 1.20
C GLN A 175 -5.57 -8.36 0.29
N CYS A 176 -5.75 -7.79 -0.90
CA CYS A 176 -6.73 -8.34 -1.85
C CYS A 176 -6.00 -8.68 -3.12
N HIS A 177 -6.43 -9.65 -3.92
CA HIS A 177 -5.78 -9.87 -5.20
C HIS A 177 -6.78 -10.43 -6.17
N GLY A 178 -6.62 -10.13 -7.47
CA GLY A 178 -7.57 -10.77 -8.48
C GLY A 178 -6.88 -12.02 -8.94
N THR A 179 -7.61 -13.11 -8.90
CA THR A 179 -6.97 -14.34 -9.26
CA THR A 179 -7.03 -14.38 -9.23
C THR A 179 -6.57 -14.43 -10.70
N ALA A 180 -7.18 -13.60 -11.57
CA ALA A 180 -6.90 -13.70 -13.00
C ALA A 180 -5.81 -12.70 -13.44
N ASP A 181 -5.19 -12.00 -12.47
CA ASP A 181 -4.11 -11.04 -12.76
C ASP A 181 -2.89 -11.67 -13.53
N GLU A 182 -2.63 -11.13 -14.72
CA GLU A 182 -1.45 -11.59 -15.54
C GLU A 182 -0.21 -10.75 -15.42
N LEU A 183 -0.22 -9.72 -14.60
CA LEU A 183 0.95 -8.79 -14.47
C LEU A 183 1.61 -9.11 -13.12
N VAL A 184 0.80 -9.23 -12.07
CA VAL A 184 1.31 -9.55 -10.73
C VAL A 184 0.61 -10.84 -10.40
N LEU A 185 1.32 -11.97 -10.47
CA LEU A 185 0.60 -13.25 -10.39
C LEU A 185 -0.01 -13.50 -8.94
N HIS A 186 -1.18 -14.12 -8.87
CA HIS A 186 -1.80 -14.38 -7.57
CA HIS A 186 -1.80 -14.39 -7.55
C HIS A 186 -0.83 -15.14 -6.65
N SER A 187 -0.06 -16.08 -7.22
CA SER A 187 0.87 -16.85 -6.36
C SER A 187 1.93 -15.92 -5.69
N TRP A 188 2.31 -14.78 -6.30
CA TRP A 188 3.29 -13.95 -5.62
C TRP A 188 2.65 -13.27 -4.42
N ALA A 189 1.39 -12.86 -4.62
CA ALA A 189 0.67 -12.19 -3.54
C ALA A 189 0.36 -13.24 -2.42
N GLU A 190 0.02 -14.48 -2.74
CA GLU A 190 -0.26 -15.39 -1.65
C GLU A 190 0.96 -15.88 -0.94
N GLU A 191 2.08 -16.01 -1.70
CA GLU A 191 3.39 -16.27 -1.03
C GLU A 191 3.70 -15.16 0.02
N THR A 192 3.44 -13.91 -0.34
CA THR A 192 3.75 -12.71 0.50
C THR A 192 2.83 -12.83 1.73
N ASN A 193 1.55 -13.15 1.51
CA ASN A 193 0.63 -13.24 2.63
C ASN A 193 1.01 -14.37 3.62
N SER A 194 1.34 -15.53 3.05
CA SER A 194 1.82 -16.66 3.89
C SER A 194 3.10 -16.32 4.63
N MET A 195 4.10 -15.74 3.93
CA MET A 195 5.35 -15.29 4.56
C MET A 195 5.01 -14.43 5.77
N LEU A 196 4.13 -13.46 5.56
CA LEU A 196 3.88 -12.49 6.66
C LEU A 196 3.19 -13.13 7.85
N LYS A 197 2.26 -14.03 7.53
CA LYS A 197 1.48 -14.80 8.60
C LYS A 197 2.47 -15.64 9.39
N SER A 198 3.41 -16.27 8.68
CA SER A 198 4.38 -17.12 9.39
C SER A 198 5.36 -16.29 10.23
N LEU A 199 5.56 -14.98 9.91
CA LEU A 199 6.35 -14.11 10.72
C LEU A 199 5.60 -13.32 11.77
N GLY A 200 4.33 -13.63 12.00
CA GLY A 200 3.57 -13.09 13.10
C GLY A 200 2.59 -11.98 12.75
N VAL A 201 2.45 -11.63 11.45
CA VAL A 201 1.44 -10.64 11.07
C VAL A 201 0.09 -11.27 11.04
N THR A 202 -0.88 -10.62 11.66
CA THR A 202 -2.22 -11.02 11.37
C THR A 202 -2.75 -10.38 10.08
N THR A 203 -3.33 -11.21 9.26
CA THR A 203 -3.76 -10.71 7.98
CA THR A 203 -3.70 -10.82 7.88
C THR A 203 -5.12 -11.20 7.51
N LYS A 204 -5.74 -10.44 6.62
CA LYS A 204 -6.98 -10.87 5.97
C LYS A 204 -6.66 -10.89 4.48
N PHE A 205 -6.65 -12.07 3.84
CA PHE A 205 -6.36 -12.19 2.40
C PHE A 205 -7.59 -12.45 1.59
N HIS A 206 -7.93 -11.63 0.59
CA HIS A 206 -9.20 -11.89 -0.13
C HIS A 206 -8.87 -12.07 -1.59
N SER A 207 -9.32 -13.20 -2.18
CA SER A 207 -9.05 -13.49 -3.61
C SER A 207 -10.35 -13.26 -4.36
N PHE A 208 -10.27 -12.53 -5.47
CA PHE A 208 -11.40 -12.14 -6.30
C PHE A 208 -11.26 -12.88 -7.62
N PRO A 209 -12.08 -13.97 -7.82
CA PRO A 209 -12.07 -14.65 -9.13
C PRO A 209 -12.54 -13.68 -10.26
N ASN A 210 -12.05 -13.88 -11.48
CA ASN A 210 -12.43 -12.96 -12.57
C ASN A 210 -12.01 -11.49 -12.44
N VAL A 211 -11.19 -11.14 -11.45
CA VAL A 211 -10.65 -9.79 -11.36
C VAL A 211 -9.17 -9.89 -11.83
N TYR A 212 -8.78 -8.96 -12.66
CA TYR A 212 -7.43 -8.98 -13.18
C TYR A 212 -6.54 -7.97 -12.36
N HIS A 213 -5.68 -7.23 -13.03
CA HIS A 213 -4.81 -6.21 -12.32
C HIS A 213 -5.57 -4.90 -12.33
N GLU A 214 -6.44 -4.72 -11.33
CA GLU A 214 -7.42 -3.60 -11.43
C GLU A 214 -8.04 -3.44 -10.07
N LEU A 215 -8.77 -2.36 -9.87
CA LEU A 215 -9.63 -2.20 -8.68
C LEU A 215 -11.01 -2.70 -8.99
N SER A 216 -11.74 -3.37 -8.05
CA SER A 216 -13.17 -3.62 -8.27
C SER A 216 -14.04 -3.01 -7.12
N LYS A 217 -15.28 -2.72 -7.45
CA LYS A 217 -16.23 -2.16 -6.48
C LYS A 217 -16.32 -3.06 -5.23
N THR A 218 -16.37 -4.37 -5.39
CA THR A 218 -16.60 -5.20 -4.24
C THR A 218 -15.36 -5.12 -3.35
N GLU A 219 -14.21 -5.18 -3.99
CA GLU A 219 -12.94 -5.03 -3.28
C GLU A 219 -12.85 -3.73 -2.49
N LEU A 220 -13.12 -2.59 -3.16
CA LEU A 220 -13.08 -1.31 -2.48
C LEU A 220 -14.15 -1.24 -1.34
N ASP A 221 -15.34 -1.85 -1.54
CA ASP A 221 -16.35 -1.88 -0.46
C ASP A 221 -15.85 -2.63 0.77
N ILE A 222 -15.24 -3.80 0.57
CA ILE A 222 -14.72 -4.62 1.67
CA ILE A 222 -14.80 -4.54 1.77
C ILE A 222 -13.60 -3.88 2.39
N LEU A 223 -12.74 -3.26 1.56
CA LEU A 223 -11.65 -2.38 2.04
C LEU A 223 -12.23 -1.31 2.99
N LYS A 224 -13.33 -0.66 2.58
CA LYS A 224 -13.85 0.49 3.36
C LYS A 224 -14.32 0.06 4.73
N LEU A 225 -15.01 -1.10 4.70
CA LEU A 225 -15.53 -1.75 5.95
C LEU A 225 -14.37 -2.05 6.88
N TRP A 226 -13.25 -2.61 6.34
CA TRP A 226 -12.17 -2.97 7.22
CA TRP A 226 -12.12 -2.97 7.19
C TRP A 226 -11.45 -1.72 7.76
N ILE A 227 -11.25 -0.68 6.90
CA ILE A 227 -10.74 0.61 7.36
C ILE A 227 -11.50 1.14 8.61
N LEU A 228 -12.82 1.11 8.52
CA LEU A 228 -13.66 1.56 9.65
C LEU A 228 -13.43 0.74 10.93
N THR A 229 -13.17 -0.59 10.84
CA THR A 229 -12.78 -1.35 12.02
C THR A 229 -11.42 -0.89 12.58
N LYS A 230 -10.52 -0.47 11.76
CA LYS A 230 -9.20 -0.07 12.26
C LYS A 230 -9.07 1.41 12.74
N LEU A 231 -9.92 2.29 12.19
CA LEU A 231 -10.03 3.69 12.58
C LEU A 231 -11.46 4.05 12.97
N PRO A 232 -11.94 3.42 14.06
CA PRO A 232 -13.21 3.90 14.56
C PRO A 232 -13.01 5.39 15.12
#